data_1V15
#
_entry.id   1V15
#
_cell.length_a   93.145
_cell.length_b   123.310
_cell.length_c   110.531
_cell.angle_alpha   90.00
_cell.angle_beta   90.00
_cell.angle_gamma   90.00
#
_symmetry.space_group_name_H-M   'C 2 2 21'
#
loop_
_entity.id
_entity.type
_entity.pdbx_description
1 polymer 'COLICIN E9'
2 polymer "5'-D(*GP*CP*GP*AP*TP*CP*GP*CP)-3'"
3 non-polymer 'ZINC ION'
4 water water
#
loop_
_entity_poly.entity_id
_entity_poly.type
_entity_poly.pdbx_seq_one_letter_code
_entity_poly.pdbx_strand_id
1 'polypeptide(L)'
;MESKRNKPGKATGKGKPVGDKWLDDAGKDSGAPIPDRIADKLRDKEFKSFDDFRKAVWEEVSKDPELSKNLNPSNKSSVS
KGYSPFTPKNQQVGGRKVYELHADKPISQGGEVYDMDNIRVTTPKRHIDIHRGK
;
A,B,C,D
2 'polydeoxyribonucleotide' (DG)(DC)(DG)(DA)(DT)(DC)(DG)(DC) E,F,G,H,I,J,K,L
#
loop_
_chem_comp.id
_chem_comp.type
_chem_comp.name
_chem_comp.formula
DA DNA linking 2'-DEOXYADENOSINE-5'-MONOPHOSPHATE 'C10 H14 N5 O6 P'
DC DNA linking 2'-DEOXYCYTIDINE-5'-MONOPHOSPHATE 'C9 H14 N3 O7 P'
DG DNA linking 2'-DEOXYGUANOSINE-5'-MONOPHOSPHATE 'C10 H14 N5 O7 P'
DT DNA linking THYMIDINE-5'-MONOPHOSPHATE 'C10 H15 N2 O8 P'
ZN non-polymer 'ZINC ION' 'Zn 2'
#
# COMPACT_ATOMS: atom_id res chain seq x y z
N SER A 3 19.19 -23.12 -7.48
CA SER A 3 19.96 -22.23 -6.63
C SER A 3 21.18 -22.94 -6.04
N LYS A 4 22.37 -22.50 -6.44
CA LYS A 4 23.63 -23.16 -6.10
C LYS A 4 23.96 -23.14 -4.60
N ARG A 5 23.87 -21.96 -3.98
CA ARG A 5 24.16 -21.77 -2.55
C ARG A 5 23.49 -22.81 -1.63
N ASN A 6 22.43 -23.45 -2.13
CA ASN A 6 21.71 -24.48 -1.39
C ASN A 6 22.20 -25.89 -1.73
N LYS A 7 22.14 -26.23 -3.01
CA LYS A 7 22.56 -27.55 -3.50
C LYS A 7 24.02 -27.85 -3.10
N PRO A 8 24.26 -29.07 -2.59
CA PRO A 8 25.52 -29.38 -1.90
C PRO A 8 26.77 -29.46 -2.78
N GLY A 9 27.94 -29.37 -2.15
CA GLY A 9 29.24 -29.45 -2.82
C GLY A 9 30.37 -29.63 -1.82
N LYS A 10 31.60 -29.69 -2.32
CA LYS A 10 32.77 -29.95 -1.46
C LYS A 10 33.81 -28.83 -1.50
N ALA A 11 34.56 -28.70 -0.40
CA ALA A 11 35.58 -27.66 -0.23
C ALA A 11 36.79 -27.79 -1.16
N THR A 12 37.28 -26.64 -1.64
CA THR A 12 38.50 -26.55 -2.47
C THR A 12 39.26 -25.26 -2.15
N GLY A 13 40.57 -25.26 -2.43
CA GLY A 13 41.43 -24.11 -2.21
C GLY A 13 41.96 -24.01 -0.78
N LYS A 14 43.29 -23.89 -0.66
CA LYS A 14 43.95 -23.80 0.66
C LYS A 14 43.53 -22.64 1.60
N GLY A 15 43.24 -21.46 1.02
CA GLY A 15 43.10 -20.23 1.79
C GLY A 15 44.43 -19.48 1.83
N LYS A 16 44.53 -18.45 2.66
CA LYS A 16 45.76 -17.67 2.79
C LYS A 16 46.14 -17.41 4.26
N PRO A 17 47.43 -17.19 4.54
CA PRO A 17 47.92 -17.06 5.91
C PRO A 17 47.87 -15.64 6.48
N VAL A 18 47.31 -15.52 7.69
CA VAL A 18 47.25 -14.24 8.41
C VAL A 18 47.48 -14.45 9.92
N GLY A 19 47.16 -13.44 10.73
CA GLY A 19 47.38 -13.50 12.18
C GLY A 19 46.21 -13.07 13.05
N ASP A 20 46.53 -12.64 14.28
CA ASP A 20 45.52 -12.25 15.28
C ASP A 20 44.63 -11.07 14.86
N LYS A 21 45.21 -10.14 14.12
CA LYS A 21 44.46 -8.97 13.63
C LYS A 21 44.08 -9.20 12.18
N TRP A 22 43.08 -10.06 11.97
CA TRP A 22 42.74 -10.53 10.63
C TRP A 22 41.40 -10.02 10.11
N LEU A 23 40.57 -9.50 11.01
CA LEU A 23 39.26 -8.96 10.66
C LEU A 23 39.31 -7.49 10.23
N ASP A 24 40.36 -6.77 10.65
CA ASP A 24 40.55 -5.36 10.27
C ASP A 24 40.52 -5.21 8.75
N ASP A 25 40.99 -6.26 8.07
CA ASP A 25 41.07 -6.29 6.61
C ASP A 25 39.78 -6.79 5.94
N ALA A 26 38.71 -6.92 6.73
CA ALA A 26 37.40 -7.30 6.20
C ALA A 26 36.68 -6.07 5.66
N GLY A 27 36.80 -4.98 6.42
CA GLY A 27 36.15 -3.73 6.08
C GLY A 27 37.07 -2.83 5.29
N LYS A 28 38.00 -3.45 4.59
CA LYS A 28 38.94 -2.73 3.75
C LYS A 28 39.00 -3.36 2.36
N ASP A 29 38.90 -2.50 1.35
CA ASP A 29 39.12 -2.85 -0.06
C ASP A 29 38.48 -4.18 -0.48
N SER A 30 39.25 -5.02 -1.17
CA SER A 30 38.75 -6.33 -1.61
C SER A 30 38.20 -7.13 -0.44
N GLY A 31 38.98 -7.26 0.63
CA GLY A 31 38.53 -7.99 1.81
C GLY A 31 39.57 -8.97 2.31
N ALA A 32 39.29 -9.58 3.46
CA ALA A 32 40.23 -10.49 4.10
C ALA A 32 40.01 -11.93 3.65
N PRO A 33 41.10 -12.61 3.24
CA PRO A 33 41.05 -14.04 2.90
C PRO A 33 40.78 -14.90 4.13
N ILE A 34 40.82 -16.23 3.99
CA ILE A 34 40.41 -17.10 5.10
C ILE A 34 41.52 -17.97 5.74
N LYS A 48 27.09 -29.75 2.89
CA LYS A 48 25.73 -30.12 2.50
C LYS A 48 24.96 -28.92 1.94
N SER A 49 25.57 -27.74 2.12
CA SER A 49 25.04 -26.44 1.72
C SER A 49 25.95 -25.36 2.31
N PHE A 50 26.12 -24.25 1.59
CA PHE A 50 26.87 -23.11 2.11
C PHE A 50 26.33 -22.68 3.50
N ASP A 51 25.08 -23.09 3.78
CA ASP A 51 24.44 -22.93 5.10
C ASP A 51 25.18 -23.68 6.20
N ASP A 52 25.88 -24.75 5.81
CA ASP A 52 26.63 -25.61 6.73
C ASP A 52 28.14 -25.30 6.72
N PHE A 53 28.62 -24.79 5.58
CA PHE A 53 30.03 -24.44 5.40
C PHE A 53 30.44 -23.19 6.15
N ARG A 54 29.52 -22.22 6.23
CA ARG A 54 29.75 -20.94 6.91
C ARG A 54 29.88 -21.16 8.41
N LYS A 55 28.96 -21.94 8.96
CA LYS A 55 29.03 -22.38 10.35
C LYS A 55 30.39 -23.03 10.58
N ALA A 56 30.68 -24.09 9.82
CA ALA A 56 31.94 -24.84 9.92
C ALA A 56 33.21 -24.02 9.71
N VAL A 57 33.06 -22.85 9.08
CA VAL A 57 34.15 -21.87 9.03
C VAL A 57 34.29 -21.22 10.41
N TRP A 58 33.22 -20.57 10.88
CA TRP A 58 33.23 -19.86 12.16
C TRP A 58 33.31 -20.78 13.38
N GLU A 59 33.08 -22.07 13.20
CA GLU A 59 33.17 -23.03 14.30
C GLU A 59 34.62 -23.37 14.56
N GLU A 60 35.42 -23.26 13.50
CA GLU A 60 36.86 -23.46 13.58
C GLU A 60 37.59 -22.15 13.90
N VAL A 61 36.88 -21.04 13.81
CA VAL A 61 37.42 -19.74 14.24
C VAL A 61 37.47 -19.70 15.77
N SER A 62 36.55 -20.46 16.39
CA SER A 62 36.46 -20.54 17.85
C SER A 62 37.54 -21.44 18.42
N LYS A 63 37.85 -22.52 17.69
CA LYS A 63 38.78 -23.54 18.15
C LYS A 63 40.22 -23.19 17.82
N ASP A 64 40.41 -22.19 16.96
CA ASP A 64 41.72 -21.70 16.58
C ASP A 64 42.01 -20.45 17.41
N PRO A 65 42.93 -20.55 18.39
CA PRO A 65 43.26 -19.43 19.25
C PRO A 65 44.12 -18.41 18.53
N LYS A 76 33.42 -14.26 20.86
CA LYS A 76 33.87 -15.61 21.21
C LYS A 76 32.69 -16.56 21.33
N SER A 77 31.62 -16.12 21.96
CA SER A 77 30.45 -16.98 22.16
C SER A 77 29.71 -17.20 20.85
N SER A 78 29.78 -16.20 19.96
CA SER A 78 29.24 -16.31 18.60
C SER A 78 29.92 -17.45 17.87
N VAL A 79 31.17 -17.23 17.43
CA VAL A 79 31.92 -18.22 16.65
C VAL A 79 31.74 -19.67 17.14
N SER A 80 31.73 -19.85 18.46
CA SER A 80 31.65 -21.17 19.09
C SER A 80 30.39 -21.95 18.76
N LYS A 81 29.27 -21.24 18.60
CA LYS A 81 28.02 -21.86 18.16
C LYS A 81 27.92 -21.84 16.63
N GLY A 82 28.88 -21.17 15.98
CA GLY A 82 28.97 -21.16 14.52
C GLY A 82 28.68 -19.83 13.83
N TYR A 83 27.98 -18.94 14.52
CA TYR A 83 27.56 -17.67 13.94
C TYR A 83 28.68 -16.72 13.58
N SER A 84 28.35 -15.77 12.70
CA SER A 84 29.27 -14.72 12.32
C SER A 84 29.30 -13.68 13.43
N PRO A 85 30.51 -13.25 13.82
CA PRO A 85 30.65 -12.18 14.80
C PRO A 85 30.22 -10.82 14.25
N PHE A 86 29.69 -9.98 15.14
CA PHE A 86 29.29 -8.62 14.81
C PHE A 86 30.50 -7.77 14.43
N THR A 87 30.28 -6.75 13.60
CA THR A 87 31.37 -5.87 13.18
C THR A 87 31.43 -4.61 14.04
N PRO A 88 32.41 -3.74 13.80
CA PRO A 88 32.33 -2.38 14.30
C PRO A 88 31.03 -1.71 13.87
N LYS A 89 30.59 -0.75 14.66
CA LYS A 89 29.35 -0.03 14.46
C LYS A 89 29.28 0.65 13.09
N ASN A 90 30.41 1.22 12.65
CA ASN A 90 30.43 2.00 11.40
C ASN A 90 30.58 1.15 10.14
N GLN A 91 30.88 -0.13 10.33
CA GLN A 91 31.00 -1.06 9.20
C GLN A 91 29.72 -1.86 8.98
N GLN A 92 28.67 -1.45 9.69
CA GLN A 92 27.35 -2.07 9.65
C GLN A 92 26.43 -1.25 8.76
N VAL A 93 25.51 -1.91 8.06
CA VAL A 93 24.44 -1.20 7.33
C VAL A 93 23.06 -1.66 7.83
N GLY A 94 22.44 -0.82 8.65
CA GLY A 94 21.11 -1.11 9.19
C GLY A 94 21.10 -2.46 9.88
N GLY A 95 20.22 -3.33 9.34
CA GLY A 95 20.03 -4.68 9.87
C GLY A 95 21.08 -5.67 9.42
N ARG A 96 22.10 -5.20 8.70
CA ARG A 96 23.27 -6.04 8.37
C ARG A 96 24.48 -5.62 9.21
N LYS A 97 24.95 -6.54 10.05
CA LYS A 97 25.74 -6.20 11.23
C LYS A 97 26.84 -7.20 11.50
N VAL A 98 26.89 -8.26 10.68
CA VAL A 98 27.88 -9.31 10.84
C VAL A 98 28.84 -9.39 9.63
N TYR A 99 29.88 -10.22 9.75
CA TYR A 99 30.84 -10.45 8.67
C TYR A 99 30.19 -11.24 7.55
N GLU A 100 30.56 -10.90 6.31
CA GLU A 100 29.92 -11.49 5.15
C GLU A 100 30.95 -12.08 4.18
N LEU A 101 30.66 -13.30 3.71
CA LEU A 101 31.54 -14.03 2.80
C LEU A 101 31.18 -13.73 1.34
N HIS A 102 31.78 -12.65 0.82
CA HIS A 102 31.60 -12.21 -0.56
C HIS A 102 32.28 -13.16 -1.53
N ALA A 103 31.59 -13.50 -2.62
CA ALA A 103 32.19 -14.28 -3.70
C ALA A 103 32.74 -13.36 -4.79
N ASP A 104 34.06 -13.17 -4.81
CA ASP A 104 34.72 -12.26 -5.76
C ASP A 104 34.20 -12.43 -7.19
N LYS A 105 34.32 -13.65 -7.71
CA LYS A 105 33.74 -14.03 -8.99
C LYS A 105 32.36 -14.67 -8.73
N PRO A 106 31.29 -13.93 -9.04
CA PRO A 106 29.92 -14.39 -8.82
C PRO A 106 29.58 -15.77 -9.40
N ILE A 107 28.69 -16.50 -8.72
CA ILE A 107 28.33 -17.86 -9.11
C ILE A 107 27.58 -17.92 -10.44
N SER A 108 26.64 -16.98 -10.64
CA SER A 108 25.88 -16.89 -11.89
C SER A 108 26.80 -16.78 -13.09
N GLN A 109 27.92 -16.08 -12.90
CA GLN A 109 28.94 -15.95 -13.93
C GLN A 109 30.18 -16.78 -13.61
N GLY A 110 29.99 -18.09 -13.47
CA GLY A 110 31.10 -19.05 -13.36
C GLY A 110 31.60 -19.42 -11.98
N GLY A 111 31.53 -18.48 -11.03
CA GLY A 111 32.10 -18.63 -9.69
C GLY A 111 31.77 -19.88 -8.89
N GLU A 112 32.81 -20.53 -8.37
CA GLU A 112 32.66 -21.76 -7.59
C GLU A 112 32.36 -21.42 -6.14
N VAL A 113 31.19 -21.87 -5.68
CA VAL A 113 30.66 -21.59 -4.34
C VAL A 113 31.68 -21.83 -3.23
N TYR A 114 32.34 -22.99 -3.28
CA TYR A 114 33.24 -23.41 -2.20
C TYR A 114 34.72 -23.15 -2.48
N ASP A 115 34.99 -22.22 -3.39
CA ASP A 115 36.37 -21.80 -3.61
C ASP A 115 36.97 -20.96 -2.48
N MET A 116 37.36 -21.62 -1.40
CA MET A 116 38.00 -20.93 -0.29
C MET A 116 38.92 -19.80 -0.71
N ASP A 117 39.29 -19.77 -1.99
CA ASP A 117 40.27 -18.80 -2.48
C ASP A 117 39.53 -17.57 -2.99
N ASN A 118 38.32 -17.82 -3.46
CA ASN A 118 37.41 -16.81 -4.02
C ASN A 118 36.62 -16.01 -2.98
N ILE A 119 36.36 -16.63 -1.83
CA ILE A 119 35.61 -16.01 -0.74
C ILE A 119 36.41 -14.91 -0.03
N ARG A 120 35.82 -13.74 0.09
CA ARG A 120 36.43 -12.64 0.85
C ARG A 120 35.56 -12.34 2.08
N VAL A 121 36.20 -12.35 3.26
CA VAL A 121 35.55 -11.93 4.49
C VAL A 121 35.39 -10.41 4.42
N THR A 122 34.14 -9.94 4.47
CA THR A 122 33.83 -8.53 4.29
C THR A 122 32.92 -8.01 5.42
N THR A 123 32.65 -6.71 5.38
CA THR A 123 31.69 -6.09 6.27
C THR A 123 30.56 -5.44 5.44
N PRO A 124 29.36 -5.37 6.00
CA PRO A 124 28.20 -4.82 5.28
C PRO A 124 28.49 -3.60 4.41
N LYS A 125 29.21 -2.60 4.93
CA LYS A 125 29.52 -1.42 4.12
C LYS A 125 30.53 -1.68 2.99
N ARG A 126 31.61 -2.42 3.29
CA ARG A 126 32.61 -2.77 2.27
C ARG A 126 31.98 -3.59 1.14
N HIS A 127 31.29 -4.66 1.52
CA HIS A 127 30.51 -5.50 0.61
C HIS A 127 29.54 -4.69 -0.26
N ILE A 128 28.77 -3.79 0.35
CA ILE A 128 27.81 -2.96 -0.37
C ILE A 128 28.46 -2.13 -1.50
N ASP A 129 29.55 -1.42 -1.18
CA ASP A 129 30.25 -0.60 -2.17
C ASP A 129 30.55 -1.39 -3.45
N ILE A 130 31.50 -2.32 -3.33
CA ILE A 130 31.90 -3.25 -4.38
C ILE A 130 30.79 -3.57 -5.40
N HIS A 131 29.64 -4.00 -4.89
CA HIS A 131 28.56 -4.50 -5.73
C HIS A 131 27.87 -3.40 -6.52
N MET B 1 -12.46 19.14 -6.50
CA MET B 1 -11.98 19.14 -7.92
C MET B 1 -11.80 17.74 -8.48
N GLU B 2 -12.64 17.39 -9.46
CA GLU B 2 -12.47 16.17 -10.26
C GLU B 2 -11.10 16.23 -10.92
N SER B 3 -10.14 15.47 -10.38
CA SER B 3 -8.72 15.64 -10.73
C SER B 3 -8.38 15.31 -12.19
N LYS B 4 -7.47 16.10 -12.76
CA LYS B 4 -7.17 16.03 -14.20
C LYS B 4 -6.25 14.87 -14.60
N ARG B 5 -5.59 14.24 -13.63
CA ARG B 5 -4.80 13.05 -13.93
C ARG B 5 -5.61 11.76 -13.74
N ASN B 6 -6.85 11.91 -13.26
CA ASN B 6 -7.81 10.82 -13.16
C ASN B 6 -8.80 10.84 -14.31
N LYS B 7 -8.58 11.77 -15.24
CA LYS B 7 -9.43 11.91 -16.43
C LYS B 7 -8.75 11.25 -17.64
N PRO B 8 -9.51 10.48 -18.42
CA PRO B 8 -9.01 9.88 -19.67
C PRO B 8 -8.24 10.87 -20.55
N GLY B 9 -7.37 10.34 -21.42
CA GLY B 9 -6.58 11.20 -22.32
C GLY B 9 -5.79 10.48 -23.39
N LYS B 10 -5.23 11.25 -24.31
CA LYS B 10 -4.43 10.70 -25.41
C LYS B 10 -2.96 11.11 -25.28
N ALA B 11 -2.05 10.16 -25.50
CA ALA B 11 -0.62 10.44 -25.46
C ALA B 11 -0.17 11.13 -26.75
N THR B 12 0.55 12.24 -26.59
CA THR B 12 1.13 13.00 -27.70
C THR B 12 2.63 13.16 -27.48
N GLY B 13 3.31 13.85 -28.39
CA GLY B 13 4.69 14.28 -28.12
C GLY B 13 5.80 13.52 -28.83
N LYS B 14 6.88 14.25 -29.11
CA LYS B 14 8.01 13.76 -29.91
C LYS B 14 9.01 12.92 -29.11
N GLY B 15 9.32 13.34 -27.88
CA GLY B 15 10.38 12.70 -27.12
C GLY B 15 11.73 13.29 -27.50
N LYS B 16 12.79 12.71 -26.95
CA LYS B 16 14.16 13.16 -27.18
C LYS B 16 15.07 11.94 -27.28
N PRO B 17 16.19 12.04 -28.00
CA PRO B 17 17.17 10.95 -28.05
C PRO B 17 17.89 10.76 -26.71
N VAL B 18 18.08 9.51 -26.29
CA VAL B 18 18.81 9.20 -25.06
C VAL B 18 19.76 8.02 -25.28
N GLY B 19 20.98 8.12 -24.75
CA GLY B 19 21.91 6.99 -24.72
C GLY B 19 21.39 6.04 -23.68
N ASP B 20 21.72 4.74 -23.80
CA ASP B 20 21.29 3.73 -22.81
C ASP B 20 21.63 4.15 -21.37
N LYS B 21 22.61 5.07 -21.29
CA LYS B 21 22.98 5.80 -20.09
C LYS B 21 21.83 6.66 -19.52
N TRP B 22 20.65 6.60 -20.15
CA TRP B 22 19.54 7.54 -19.87
C TRP B 22 19.04 7.74 -18.42
N LEU B 23 19.01 6.69 -17.61
CA LEU B 23 18.44 6.86 -16.25
C LEU B 23 19.39 7.46 -15.20
N ASP B 24 20.63 7.78 -15.60
CA ASP B 24 21.57 8.45 -14.70
C ASP B 24 21.28 9.96 -14.64
N ASP B 25 20.65 10.47 -15.71
CA ASP B 25 20.38 11.90 -15.87
C ASP B 25 19.18 12.36 -15.05
N ALA B 26 18.36 11.39 -14.63
CA ALA B 26 17.21 11.62 -13.74
C ALA B 26 17.58 12.39 -12.45
N GLY B 27 18.75 12.09 -11.90
CA GLY B 27 19.23 12.72 -10.69
C GLY B 27 19.90 14.05 -10.96
N LYS B 28 19.97 14.46 -12.23
CA LYS B 28 20.62 15.70 -12.61
C LYS B 28 19.58 16.72 -13.09
N ASP B 29 20.06 17.95 -13.31
CA ASP B 29 19.31 19.06 -13.93
C ASP B 29 17.78 19.02 -13.70
N SER B 30 17.01 18.95 -14.78
CA SER B 30 15.55 18.98 -14.69
C SER B 30 14.94 17.62 -15.05
N GLY B 31 15.77 16.59 -14.95
CA GLY B 31 15.34 15.22 -15.20
C GLY B 31 15.76 14.73 -16.56
N ALA B 32 15.52 13.44 -16.81
CA ALA B 32 15.75 12.85 -18.10
C ALA B 32 14.47 12.97 -18.93
N PRO B 33 14.59 13.29 -20.21
CA PRO B 33 13.40 13.37 -21.06
C PRO B 33 12.81 11.99 -21.32
N ILE B 34 11.54 11.93 -21.71
CA ILE B 34 10.97 10.72 -22.26
C ILE B 34 11.73 10.42 -23.57
N PRO B 35 12.28 9.21 -23.70
CA PRO B 35 13.01 8.82 -24.92
C PRO B 35 12.14 8.83 -26.19
N ASP B 36 12.78 9.14 -27.31
CA ASP B 36 12.13 9.24 -28.63
C ASP B 36 11.48 7.94 -29.09
N ARG B 37 12.12 6.80 -28.80
CA ARG B 37 11.59 5.49 -29.15
C ARG B 37 10.34 5.11 -28.36
N ILE B 38 10.29 5.49 -27.07
CA ILE B 38 9.14 5.23 -26.17
C ILE B 38 7.93 6.07 -26.59
N ALA B 39 8.19 7.33 -26.91
CA ALA B 39 7.19 8.22 -27.50
C ALA B 39 6.64 7.65 -28.81
N ASP B 40 7.51 7.03 -29.61
CA ASP B 40 7.09 6.41 -30.86
C ASP B 40 6.07 5.30 -30.60
N LYS B 41 6.41 4.45 -29.64
CA LYS B 41 5.57 3.34 -29.25
C LYS B 41 4.21 3.82 -28.78
N LEU B 42 4.19 4.94 -28.03
CA LEU B 42 2.97 5.33 -27.29
C LEU B 42 2.16 6.51 -27.85
N ARG B 43 2.66 7.16 -28.89
CA ARG B 43 1.99 8.33 -29.48
C ARG B 43 0.60 8.01 -30.04
N ASP B 44 -0.36 8.89 -29.75
CA ASP B 44 -1.78 8.76 -30.18
C ASP B 44 -2.60 7.62 -29.52
N LYS B 45 -2.02 6.93 -28.55
CA LYS B 45 -2.73 5.88 -27.81
C LYS B 45 -3.62 6.49 -26.72
N GLU B 46 -4.82 5.92 -26.56
CA GLU B 46 -5.78 6.32 -25.54
C GLU B 46 -5.36 5.74 -24.17
N PHE B 47 -5.57 6.50 -23.11
CA PHE B 47 -5.37 6.03 -21.73
C PHE B 47 -6.49 6.54 -20.81
N LYS B 48 -6.86 5.70 -19.84
CA LYS B 48 -7.96 6.02 -18.93
C LYS B 48 -7.52 6.89 -17.76
N SER B 49 -6.26 6.70 -17.34
CA SER B 49 -5.66 7.56 -16.33
C SER B 49 -4.17 7.70 -16.61
N PHE B 50 -3.49 8.53 -15.84
CA PHE B 50 -2.04 8.63 -15.95
C PHE B 50 -1.40 7.34 -15.42
N ASP B 51 -2.03 6.73 -14.43
CA ASP B 51 -1.58 5.45 -13.89
C ASP B 51 -1.27 4.49 -15.02
N ASP B 52 -2.25 4.30 -15.91
CA ASP B 52 -2.14 3.41 -17.08
C ASP B 52 -1.05 3.86 -18.07
N PHE B 53 -1.00 5.16 -18.37
CA PHE B 53 0.07 5.72 -19.20
C PHE B 53 1.45 5.40 -18.58
N ARG B 54 1.56 5.58 -17.27
CA ARG B 54 2.78 5.28 -16.51
C ARG B 54 3.20 3.82 -16.62
N LYS B 55 2.23 2.91 -16.42
CA LYS B 55 2.43 1.48 -16.64
C LYS B 55 3.07 1.22 -18.00
N ALA B 56 2.37 1.66 -19.05
CA ALA B 56 2.82 1.47 -20.43
C ALA B 56 4.22 2.03 -20.66
N VAL B 57 4.49 3.20 -20.08
CA VAL B 57 5.81 3.83 -20.21
C VAL B 57 6.88 2.84 -19.74
N TRP B 58 6.71 2.27 -18.55
CA TRP B 58 7.68 1.29 -18.03
C TRP B 58 7.75 -0.03 -18.79
N GLU B 59 6.61 -0.54 -19.24
CA GLU B 59 6.55 -1.76 -20.06
C GLU B 59 7.22 -1.62 -21.44
N GLU B 60 7.08 -0.46 -22.07
CA GLU B 60 7.86 -0.16 -23.26
C GLU B 60 9.36 -0.07 -22.94
N VAL B 61 9.70 0.49 -21.78
CA VAL B 61 11.10 0.49 -21.31
C VAL B 61 11.68 -0.93 -21.22
N SER B 62 10.85 -1.88 -20.80
CA SER B 62 11.27 -3.27 -20.65
C SER B 62 11.54 -3.96 -21.98
N LYS B 63 10.81 -3.53 -23.01
CA LYS B 63 10.91 -4.10 -24.34
C LYS B 63 12.14 -3.57 -25.06
N ASP B 64 12.52 -2.33 -24.75
CA ASP B 64 13.65 -1.67 -25.42
C ASP B 64 14.98 -2.24 -24.92
N PRO B 65 15.71 -2.89 -25.82
CA PRO B 65 16.98 -3.52 -25.48
C PRO B 65 17.90 -2.60 -24.67
N GLU B 66 18.31 -1.50 -25.29
CA GLU B 66 19.25 -0.56 -24.68
C GLU B 66 18.57 0.46 -23.75
N LEU B 67 17.39 0.11 -23.23
CA LEU B 67 16.75 0.93 -22.20
C LEU B 67 16.66 0.24 -20.85
N SER B 68 16.62 -1.09 -20.87
CA SER B 68 16.69 -1.92 -19.67
C SER B 68 18.07 -2.57 -19.56
N LYS B 69 19.01 -2.02 -20.34
CA LYS B 69 20.38 -2.54 -20.45
C LYS B 69 21.19 -2.21 -19.19
N ASN B 70 20.86 -1.09 -18.56
CA ASN B 70 21.57 -0.71 -17.34
C ASN B 70 20.77 -1.02 -16.06
N LEU B 71 19.59 -1.63 -16.25
CA LEU B 71 18.73 -2.08 -15.14
C LEU B 71 19.00 -3.52 -14.72
N ASN B 72 19.08 -3.74 -13.41
CA ASN B 72 19.32 -5.06 -12.81
C ASN B 72 18.10 -6.00 -12.93
N PRO B 73 18.31 -7.32 -12.78
CA PRO B 73 17.21 -8.30 -12.89
C PRO B 73 15.99 -7.94 -12.05
N SER B 74 16.23 -7.35 -10.89
CA SER B 74 15.20 -6.78 -10.03
C SER B 74 14.34 -5.80 -10.81
N ASN B 75 14.98 -4.72 -11.25
CA ASN B 75 14.34 -3.67 -12.01
C ASN B 75 13.91 -4.08 -13.41
N LYS B 76 14.47 -5.18 -13.93
CA LYS B 76 13.99 -5.77 -15.16
C LYS B 76 12.55 -6.26 -14.98
N SER B 77 12.32 -7.05 -13.93
CA SER B 77 11.00 -7.64 -13.66
C SER B 77 9.93 -6.57 -13.40
N SER B 78 10.32 -5.49 -12.72
CA SER B 78 9.41 -4.38 -12.40
C SER B 78 8.84 -3.70 -13.63
N VAL B 79 9.71 -3.30 -14.54
CA VAL B 79 9.27 -2.55 -15.72
C VAL B 79 8.48 -3.40 -16.69
N SER B 80 8.65 -4.71 -16.59
CA SER B 80 7.91 -5.66 -17.41
C SER B 80 6.46 -5.75 -16.93
N LYS B 81 6.25 -5.45 -15.65
CA LYS B 81 4.90 -5.34 -15.12
C LYS B 81 4.52 -3.87 -14.97
N GLY B 82 5.29 -2.98 -15.60
CA GLY B 82 5.00 -1.54 -15.61
C GLY B 82 5.26 -0.80 -14.31
N TYR B 83 5.93 -1.45 -13.37
CA TYR B 83 6.24 -0.79 -12.12
C TYR B 83 7.49 0.07 -12.32
N SER B 84 7.48 1.25 -11.73
CA SER B 84 8.66 2.06 -11.70
C SER B 84 9.79 1.23 -11.07
N PRO B 85 11.00 1.31 -11.66
CA PRO B 85 12.21 0.74 -11.05
C PRO B 85 12.71 1.61 -9.90
N PHE B 86 13.21 0.95 -8.86
CA PHE B 86 13.90 1.58 -7.74
C PHE B 86 15.13 2.40 -8.16
N THR B 87 15.27 3.61 -7.62
CA THR B 87 16.48 4.40 -7.89
C THR B 87 17.67 3.95 -7.00
N PRO B 88 18.89 4.37 -7.34
CA PRO B 88 19.99 4.35 -6.38
C PRO B 88 19.56 4.95 -5.02
N LYS B 89 19.86 4.23 -3.94
CA LYS B 89 19.46 4.56 -2.58
C LYS B 89 19.55 6.06 -2.23
N ASN B 90 20.65 6.67 -2.65
CA ASN B 90 20.97 8.08 -2.37
C ASN B 90 20.12 9.05 -3.18
N GLN B 91 19.22 8.52 -4.00
CA GLN B 91 18.30 9.35 -4.76
C GLN B 91 16.86 9.08 -4.31
N GLN B 92 16.68 8.13 -3.40
CA GLN B 92 15.39 7.90 -2.76
C GLN B 92 15.22 8.86 -1.59
N VAL B 93 13.98 9.30 -1.40
CA VAL B 93 13.61 10.04 -0.19
C VAL B 93 12.61 9.24 0.64
N GLY B 94 13.10 8.70 1.75
CA GLY B 94 12.29 7.91 2.66
C GLY B 94 11.67 6.80 1.87
N GLY B 95 10.36 6.67 2.00
CA GLY B 95 9.58 5.65 1.34
C GLY B 95 9.18 6.02 -0.07
N ARG B 96 9.74 7.10 -0.60
CA ARG B 96 9.69 7.30 -2.04
C ARG B 96 11.01 6.85 -2.65
N LYS B 97 10.94 5.75 -3.40
CA LYS B 97 12.08 4.96 -3.80
C LYS B 97 12.19 4.69 -5.31
N VAL B 98 11.13 4.98 -6.06
CA VAL B 98 11.10 4.65 -7.48
C VAL B 98 11.11 5.93 -8.35
N TYR B 99 11.61 5.83 -9.59
CA TYR B 99 11.57 6.97 -10.52
C TYR B 99 10.16 7.59 -10.64
N GLU B 100 10.13 8.89 -10.89
CA GLU B 100 8.88 9.62 -11.01
C GLU B 100 8.82 10.40 -12.33
N LEU B 101 7.63 10.35 -12.95
CA LEU B 101 7.33 11.11 -14.15
C LEU B 101 6.82 12.50 -13.75
N HIS B 102 7.79 13.36 -13.42
CA HIS B 102 7.59 14.77 -13.14
C HIS B 102 7.10 15.53 -14.38
N ALA B 103 6.20 16.48 -14.17
CA ALA B 103 5.69 17.30 -15.25
C ALA B 103 6.37 18.67 -15.24
N ASP B 104 7.03 19.01 -16.35
CA ASP B 104 7.90 20.19 -16.47
C ASP B 104 7.11 21.48 -16.26
N LYS B 105 6.19 21.76 -17.17
CA LYS B 105 5.14 22.74 -16.92
C LYS B 105 4.03 22.04 -16.14
N PRO B 106 3.66 22.59 -14.98
CA PRO B 106 2.55 22.08 -14.19
C PRO B 106 1.21 22.13 -14.93
N ILE B 107 0.29 21.26 -14.51
CA ILE B 107 -1.11 21.30 -14.93
C ILE B 107 -1.69 22.70 -14.80
N SER B 108 -1.48 23.28 -13.62
CA SER B 108 -2.00 24.59 -13.26
C SER B 108 -1.49 25.75 -14.11
N GLN B 109 -0.31 25.57 -14.72
CA GLN B 109 0.33 26.62 -15.52
C GLN B 109 0.06 26.46 -17.01
N GLY B 110 -0.21 25.24 -17.45
CA GLY B 110 -0.50 24.97 -18.85
C GLY B 110 -0.02 23.63 -19.40
N GLY B 111 0.71 22.87 -18.58
CA GLY B 111 1.18 21.53 -18.96
C GLY B 111 0.05 20.54 -19.18
N GLU B 112 0.21 19.69 -20.20
CA GLU B 112 -0.78 18.65 -20.54
C GLU B 112 -0.39 17.33 -19.87
N VAL B 113 -1.39 16.64 -19.33
CA VAL B 113 -1.19 15.45 -18.51
C VAL B 113 -0.40 14.37 -19.25
N TYR B 114 -0.73 14.17 -20.53
CA TYR B 114 -0.14 13.08 -21.33
C TYR B 114 0.89 13.53 -22.40
N ASP B 115 1.39 14.75 -22.27
CA ASP B 115 2.42 15.22 -23.20
C ASP B 115 3.80 14.75 -22.79
N MET B 116 4.33 13.81 -23.58
CA MET B 116 5.62 13.19 -23.29
C MET B 116 6.83 14.14 -23.44
N ASP B 117 6.61 15.27 -24.10
CA ASP B 117 7.63 16.31 -24.12
C ASP B 117 7.63 17.13 -22.82
N ASN B 118 6.49 17.16 -22.13
CA ASN B 118 6.39 17.86 -20.84
C ASN B 118 6.88 17.03 -19.64
N ILE B 119 6.95 15.72 -19.84
CA ILE B 119 7.31 14.81 -18.76
C ILE B 119 8.82 14.65 -18.61
N ARG B 120 9.29 14.67 -17.36
CA ARG B 120 10.66 14.32 -17.04
C ARG B 120 10.72 13.13 -16.09
N VAL B 121 11.57 12.16 -16.40
CA VAL B 121 11.83 11.08 -15.46
C VAL B 121 12.86 11.56 -14.40
N THR B 122 12.38 11.65 -13.16
CA THR B 122 13.19 12.12 -12.02
C THR B 122 13.37 11.05 -10.96
N THR B 123 14.43 11.15 -10.19
CA THR B 123 14.58 10.41 -8.94
C THR B 123 13.74 11.16 -7.93
N PRO B 124 13.30 10.51 -6.84
CA PRO B 124 12.61 11.22 -5.75
C PRO B 124 13.42 12.43 -5.30
N LYS B 125 14.73 12.24 -5.15
CA LYS B 125 15.61 13.29 -4.61
C LYS B 125 15.64 14.51 -5.53
N ARG B 126 15.83 14.30 -6.83
CA ARG B 126 15.78 15.41 -7.78
C ARG B 126 14.40 16.02 -7.88
N HIS B 127 13.37 15.17 -7.90
CA HIS B 127 11.99 15.63 -8.04
C HIS B 127 11.56 16.60 -6.93
N ILE B 128 11.93 16.31 -5.70
CA ILE B 128 11.64 17.22 -4.59
C ILE B 128 12.37 18.56 -4.78
N ASP B 129 13.62 18.52 -5.24
CA ASP B 129 14.40 19.74 -5.48
C ASP B 129 13.75 20.71 -6.45
N ILE B 130 13.23 20.21 -7.56
CA ILE B 130 12.62 21.03 -8.61
C ILE B 130 11.40 21.77 -8.09
N HIS B 131 10.69 21.14 -7.16
CA HIS B 131 9.51 21.75 -6.57
C HIS B 131 9.90 22.67 -5.43
N ARG B 132 11.03 22.37 -4.80
CA ARG B 132 11.62 23.26 -3.80
C ARG B 132 12.24 24.50 -4.44
N GLY B 133 12.47 24.45 -5.76
CA GLY B 133 13.22 25.47 -6.50
C GLY B 133 12.61 26.86 -6.50
N LYS B 134 11.45 26.99 -5.87
CA LYS B 134 10.69 28.25 -5.80
C LYS B 134 11.19 29.14 -4.65
N SER C 3 -18.53 19.76 2.18
CA SER C 3 -19.08 19.37 3.47
C SER C 3 -19.86 20.52 4.11
N LYS C 4 -21.15 20.30 4.34
CA LYS C 4 -22.03 21.25 5.01
C LYS C 4 -21.63 21.33 6.49
N ARG C 5 -20.92 20.30 6.95
CA ARG C 5 -20.37 20.22 8.29
C ARG C 5 -19.31 21.30 8.52
N ASN C 6 -18.58 21.63 7.45
CA ASN C 6 -17.48 22.59 7.52
C ASN C 6 -17.95 24.01 7.31
N LYS C 7 -19.13 24.15 6.72
CA LYS C 7 -19.72 25.46 6.51
C LYS C 7 -20.37 25.95 7.81
N PRO C 8 -20.42 27.27 8.00
CA PRO C 8 -21.03 27.83 9.20
C PRO C 8 -22.54 27.69 9.23
N GLY C 9 -23.12 27.85 10.42
CA GLY C 9 -24.56 27.81 10.63
C GLY C 9 -24.93 28.14 12.06
N LYS C 10 -26.23 28.19 12.31
CA LYS C 10 -26.74 28.51 13.65
C LYS C 10 -27.36 27.28 14.30
N ALA C 11 -27.02 27.07 15.57
CA ALA C 11 -27.61 26.01 16.39
C ALA C 11 -29.11 26.20 16.61
N THR C 12 -29.85 25.10 16.57
CA THR C 12 -31.30 25.12 16.85
C THR C 12 -31.74 23.83 17.59
N GLY C 13 -33.03 23.71 17.85
CA GLY C 13 -33.59 22.57 18.58
C GLY C 13 -33.58 22.80 20.07
N LYS C 14 -34.40 22.05 20.79
CA LYS C 14 -34.59 22.25 22.23
C LYS C 14 -33.66 21.39 23.12
N GLY C 15 -33.30 20.21 22.65
CA GLY C 15 -32.71 19.23 23.55
C GLY C 15 -33.74 18.58 24.46
N LYS C 16 -33.26 17.81 25.42
CA LYS C 16 -34.10 17.03 26.33
C LYS C 16 -33.57 17.03 27.77
N PRO C 17 -34.48 16.97 28.75
CA PRO C 17 -34.11 16.86 30.16
C PRO C 17 -33.37 15.54 30.45
N VAL C 18 -32.14 15.64 30.98
CA VAL C 18 -31.31 14.47 31.27
C VAL C 18 -30.81 14.40 32.71
N GLY C 19 -30.36 13.23 33.15
CA GLY C 19 -29.90 13.03 34.52
C GLY C 19 -28.38 12.98 34.69
N ASP C 20 -27.95 12.70 35.92
CA ASP C 20 -26.54 12.59 36.27
C ASP C 20 -25.84 11.47 35.49
N LYS C 21 -26.62 10.44 35.15
CA LYS C 21 -26.12 9.34 34.32
C LYS C 21 -26.57 9.45 32.86
N TRP C 22 -26.37 10.62 32.27
CA TRP C 22 -26.87 10.88 30.93
C TRP C 22 -26.05 10.19 29.84
N LEU C 23 -24.74 10.09 30.04
CA LEU C 23 -23.88 9.40 29.07
C LEU C 23 -24.04 7.89 29.13
N ASP C 24 -24.68 7.39 30.19
CA ASP C 24 -25.00 5.96 30.25
C ASP C 24 -25.91 5.59 29.07
N ASP C 25 -26.87 6.46 28.78
CA ASP C 25 -27.68 6.43 27.55
C ASP C 25 -26.88 6.28 26.27
N ALA C 26 -25.73 6.96 26.21
CA ALA C 26 -24.92 7.09 24.98
C ALA C 26 -24.58 5.75 24.34
N GLY C 27 -24.49 4.72 25.15
CA GLY C 27 -24.13 3.39 24.67
C GLY C 27 -25.25 2.58 24.06
N LYS C 28 -26.50 3.02 24.18
CA LYS C 28 -27.66 2.20 23.80
C LYS C 28 -28.50 2.70 22.64
N ASP C 29 -29.09 1.76 21.90
CA ASP C 29 -30.05 2.02 20.81
C ASP C 29 -29.75 3.23 19.94
N SER C 30 -30.30 4.36 20.36
CA SER C 30 -30.33 5.56 19.56
C SER C 30 -29.35 6.62 20.05
N GLY C 31 -28.64 6.32 21.14
CA GLY C 31 -27.77 7.27 21.81
C GLY C 31 -28.47 8.37 22.60
N ALA C 32 -27.72 9.02 23.49
CA ALA C 32 -28.21 10.11 24.34
C ALA C 32 -28.68 11.38 23.59
N PRO C 33 -29.70 12.06 24.09
CA PRO C 33 -30.07 13.38 23.54
C PRO C 33 -29.14 14.47 24.09
N ILE C 34 -29.17 15.66 23.49
CA ILE C 34 -28.37 16.75 24.03
C ILE C 34 -29.18 17.40 25.17
N PRO C 35 -28.52 17.65 26.29
CA PRO C 35 -29.17 18.29 27.43
C PRO C 35 -29.85 19.58 26.99
N ASP C 36 -31.06 19.82 27.50
CA ASP C 36 -31.84 21.01 27.16
C ASP C 36 -31.15 22.30 27.58
N ARG C 37 -30.38 22.23 28.68
CA ARG C 37 -29.75 23.44 29.22
C ARG C 37 -28.39 23.75 28.62
N ILE C 38 -27.89 22.82 27.79
CA ILE C 38 -26.81 23.17 26.87
C ILE C 38 -27.45 23.81 25.63
N ALA C 39 -28.55 23.21 25.17
CA ALA C 39 -29.33 23.75 24.05
C ALA C 39 -29.81 25.17 24.31
N ASP C 40 -30.13 25.47 25.56
CA ASP C 40 -30.54 26.84 25.95
C ASP C 40 -29.40 27.85 25.77
N LYS C 41 -28.17 27.40 26.07
CA LYS C 41 -26.97 28.23 26.01
C LYS C 41 -26.47 28.46 24.58
N LEU C 42 -26.84 27.55 23.68
CA LEU C 42 -26.25 27.53 22.35
C LEU C 42 -27.24 27.93 21.26
N ARG C 43 -28.53 27.73 21.52
CA ARG C 43 -29.56 28.00 20.54
C ARG C 43 -29.38 29.39 19.96
N ASP C 44 -29.39 29.48 18.63
CA ASP C 44 -29.30 30.75 17.92
C ASP C 44 -27.88 31.31 17.80
N LYS C 45 -26.91 30.60 18.36
CA LYS C 45 -25.51 31.00 18.25
C LYS C 45 -24.91 30.57 16.91
N GLU C 46 -24.18 31.50 16.28
CA GLU C 46 -23.54 31.26 15.00
C GLU C 46 -22.15 30.65 15.22
N PHE C 47 -21.98 29.44 14.69
CA PHE C 47 -20.71 28.72 14.71
C PHE C 47 -20.14 28.65 13.29
N LYS C 48 -18.81 28.60 13.18
CA LYS C 48 -18.15 28.68 11.86
C LYS C 48 -17.88 27.32 11.24
N SER C 49 -17.97 26.28 12.07
CA SER C 49 -17.87 24.88 11.64
C SER C 49 -18.41 23.98 12.74
N PHE C 50 -18.80 22.77 12.38
CA PHE C 50 -19.30 21.82 13.35
C PHE C 50 -18.25 21.57 14.44
N ASP C 51 -16.98 21.56 14.04
CA ASP C 51 -15.83 21.50 14.94
C ASP C 51 -16.02 22.47 16.09
N ASP C 52 -16.46 23.69 15.79
CA ASP C 52 -16.63 24.75 16.80
C ASP C 52 -17.89 24.58 17.68
N PHE C 53 -18.96 24.09 17.07
CA PHE C 53 -20.13 23.65 17.82
C PHE C 53 -19.80 22.60 18.89
N ARG C 54 -19.23 21.48 18.45
CA ARG C 54 -18.86 20.37 19.32
C ARG C 54 -18.07 20.82 20.53
N LYS C 55 -17.05 21.65 20.28
CA LYS C 55 -16.18 22.20 21.32
C LYS C 55 -16.99 22.96 22.36
N ALA C 56 -17.92 23.82 21.90
CA ALA C 56 -18.85 24.52 22.79
C ALA C 56 -19.82 23.59 23.55
N VAL C 57 -20.22 22.48 22.92
CA VAL C 57 -21.09 21.50 23.59
C VAL C 57 -20.40 20.92 24.82
N TRP C 58 -19.13 20.56 24.68
CA TRP C 58 -18.42 19.94 25.79
C TRP C 58 -17.98 20.97 26.82
N GLU C 59 -17.75 22.20 26.37
CA GLU C 59 -17.36 23.28 27.27
C GLU C 59 -18.51 23.71 28.17
N GLU C 60 -19.72 23.58 27.65
CA GLU C 60 -20.91 23.77 28.44
C GLU C 60 -21.11 22.60 29.40
N VAL C 61 -20.81 21.38 28.96
CA VAL C 61 -20.93 20.21 29.82
C VAL C 61 -20.13 20.45 31.11
N SER C 62 -18.90 20.97 30.95
CA SER C 62 -18.03 21.33 32.05
C SER C 62 -18.61 22.45 32.91
N LYS C 63 -19.29 23.40 32.27
CA LYS C 63 -19.91 24.55 32.98
C LYS C 63 -21.17 24.17 33.74
N ASP C 64 -21.72 23.01 33.41
CA ASP C 64 -22.96 22.51 33.99
C ASP C 64 -22.62 21.40 34.99
N PRO C 65 -22.73 21.71 36.27
CA PRO C 65 -22.25 20.83 37.34
C PRO C 65 -22.82 19.42 37.34
N GLU C 66 -24.14 19.27 37.26
CA GLU C 66 -24.77 17.96 37.42
C GLU C 66 -24.61 17.06 36.18
N LEU C 67 -24.05 17.62 35.11
CA LEU C 67 -23.72 16.85 33.91
C LEU C 67 -22.36 16.17 34.06
N SER C 68 -21.52 16.73 34.93
CA SER C 68 -20.16 16.22 35.14
C SER C 68 -20.06 15.14 36.24
N LYS C 69 -21.18 14.82 36.88
CA LYS C 69 -21.32 13.58 37.67
C LYS C 69 -21.00 12.37 36.79
N ASN C 70 -20.56 11.27 37.41
CA ASN C 70 -19.93 10.16 36.68
C ASN C 70 -18.54 10.52 36.18
N LEU C 71 -18.45 11.61 35.40
CA LEU C 71 -17.20 12.04 34.73
C LEU C 71 -16.01 12.16 35.69
N ASN C 72 -15.03 11.28 35.55
CA ASN C 72 -13.84 11.31 36.41
C ASN C 72 -13.03 12.60 36.17
N PRO C 73 -12.15 12.97 37.11
CA PRO C 73 -11.38 14.22 36.99
C PRO C 73 -10.72 14.40 35.62
N SER C 74 -10.13 13.32 35.07
CA SER C 74 -9.58 13.30 33.70
C SER C 74 -10.51 13.95 32.68
N ASN C 75 -11.74 13.41 32.64
CA ASN C 75 -12.79 13.82 31.74
C ASN C 75 -13.37 15.18 32.05
N LYS C 76 -13.26 15.62 33.31
CA LYS C 76 -13.58 17.00 33.66
C LYS C 76 -12.64 17.97 32.93
N SER C 77 -11.34 17.70 32.98
CA SER C 77 -10.36 18.50 32.24
C SER C 77 -10.59 18.45 30.73
N SER C 78 -10.90 17.27 30.19
CA SER C 78 -11.24 17.14 28.77
C SER C 78 -12.26 18.20 28.40
N VAL C 79 -13.47 18.05 28.93
CA VAL C 79 -14.60 18.90 28.55
C VAL C 79 -14.34 20.38 28.81
N SER C 80 -13.62 20.68 29.88
CA SER C 80 -13.23 22.06 30.20
C SER C 80 -12.56 22.76 29.04
N LYS C 81 -11.72 22.00 28.34
CA LYS C 81 -11.00 22.45 27.15
C LYS C 81 -11.77 22.21 25.84
N GLY C 82 -12.94 21.57 25.91
CA GLY C 82 -13.82 21.37 24.75
C GLY C 82 -13.60 20.07 23.97
N TYR C 83 -12.96 19.11 24.63
CA TYR C 83 -12.67 17.83 24.03
C TYR C 83 -13.68 16.80 24.52
N SER C 84 -14.04 15.89 23.63
CA SER C 84 -14.98 14.84 23.94
C SER C 84 -14.36 13.94 24.99
N PRO C 85 -15.09 13.65 26.08
CA PRO C 85 -14.56 12.76 27.12
C PRO C 85 -14.40 11.32 26.62
N PHE C 86 -13.48 10.55 27.21
CA PHE C 86 -13.39 9.12 26.91
C PHE C 86 -14.62 8.30 27.39
N THR C 87 -15.03 7.34 26.57
CA THR C 87 -16.08 6.41 26.96
C THR C 87 -15.45 5.31 27.79
N PRO C 88 -16.21 4.47 28.48
CA PRO C 88 -15.62 3.30 29.07
C PRO C 88 -14.94 2.47 27.96
N LYS C 89 -13.81 1.86 28.32
CA LYS C 89 -13.07 1.01 27.41
C LYS C 89 -13.94 0.07 26.53
N ASN C 90 -14.87 -0.67 27.13
CA ASN C 90 -15.62 -1.67 26.37
C ASN C 90 -16.62 -1.14 25.31
N GLN C 91 -16.79 0.19 25.30
CA GLN C 91 -17.60 0.94 24.30
C GLN C 91 -16.76 1.69 23.26
N GLN C 92 -15.43 1.50 23.30
CA GLN C 92 -14.48 2.06 22.32
C GLN C 92 -14.24 1.10 21.13
N VAL C 93 -13.79 1.66 20.01
CA VAL C 93 -13.29 0.84 18.89
C VAL C 93 -11.89 1.28 18.49
N GLY C 94 -10.89 0.58 19.03
CA GLY C 94 -9.50 0.86 18.74
C GLY C 94 -9.19 2.31 19.04
N GLY C 95 -8.81 3.05 17.98
CA GLY C 95 -8.40 4.44 18.10
C GLY C 95 -9.53 5.45 18.14
N ARG C 96 -10.77 4.96 18.19
CA ARG C 96 -11.92 5.82 18.46
C ARG C 96 -12.43 5.54 19.84
N LYS C 97 -12.27 6.55 20.70
CA LYS C 97 -12.25 6.36 22.15
C LYS C 97 -13.15 7.27 22.92
N VAL C 98 -13.66 8.30 22.25
CA VAL C 98 -14.40 9.43 22.88
C VAL C 98 -15.85 9.51 22.37
N TYR C 99 -16.75 10.16 23.08
CA TYR C 99 -18.13 10.29 22.61
C TYR C 99 -18.19 10.97 21.26
N GLU C 100 -19.26 10.67 20.52
CA GLU C 100 -19.43 11.12 19.14
C GLU C 100 -20.82 11.74 18.96
N LEU C 101 -20.86 12.94 18.39
CA LEU C 101 -22.14 13.60 18.11
C LEU C 101 -22.66 13.08 16.78
N HIS C 102 -23.57 12.12 16.86
CA HIS C 102 -24.15 11.43 15.71
C HIS C 102 -25.39 12.16 15.18
N ALA C 103 -25.50 12.25 13.85
CA ALA C 103 -26.68 12.80 13.19
C ALA C 103 -27.74 11.71 13.03
N ASP C 104 -28.87 11.90 13.71
CA ASP C 104 -29.98 10.95 13.67
C ASP C 104 -30.49 10.79 12.21
N LYS C 105 -31.10 11.84 11.65
CA LYS C 105 -31.29 11.96 10.19
C LYS C 105 -29.98 12.41 9.54
N PRO C 106 -29.37 11.52 8.75
CA PRO C 106 -28.09 11.82 8.12
C PRO C 106 -28.11 13.09 7.31
N ILE C 107 -26.98 13.79 7.31
CA ILE C 107 -26.84 15.08 6.64
C ILE C 107 -26.93 14.91 5.12
N SER C 108 -26.13 13.99 4.58
CA SER C 108 -26.05 13.76 3.14
C SER C 108 -27.44 13.59 2.56
N GLN C 109 -28.39 13.22 3.44
CA GLN C 109 -29.75 12.92 3.02
C GLN C 109 -30.82 13.81 3.68
N GLY C 110 -30.44 15.05 3.96
CA GLY C 110 -31.39 16.09 4.34
C GLY C 110 -31.27 16.69 5.73
N GLY C 111 -30.44 16.09 6.58
CA GLY C 111 -30.36 16.47 8.00
C GLY C 111 -29.70 17.80 8.32
N GLU C 112 -30.23 18.50 9.32
CA GLU C 112 -29.67 19.78 9.79
C GLU C 112 -28.45 19.57 10.71
N VAL C 113 -27.36 20.27 10.39
CA VAL C 113 -26.06 20.10 11.05
C VAL C 113 -26.03 20.58 12.50
N TYR C 114 -26.67 21.73 12.75
CA TYR C 114 -26.65 22.33 14.09
C TYR C 114 -28.01 22.16 14.76
N ASP C 115 -28.76 21.15 14.30
CA ASP C 115 -30.04 20.86 14.88
C ASP C 115 -29.82 19.97 16.08
N MET C 116 -29.78 20.59 17.27
CA MET C 116 -29.57 19.88 18.55
C MET C 116 -30.64 18.83 18.85
N ASP C 117 -31.76 18.90 18.15
CA ASP C 117 -32.73 17.82 18.24
C ASP C 117 -32.42 16.69 17.27
N ASN C 118 -31.54 16.93 16.29
CA ASN C 118 -31.08 15.85 15.41
C ASN C 118 -29.85 15.07 15.90
N ILE C 119 -29.08 15.70 16.79
CA ILE C 119 -27.83 15.15 17.25
C ILE C 119 -27.98 14.19 18.45
N ARG C 120 -27.34 13.02 18.35
CA ARG C 120 -27.29 12.08 19.46
C ARG C 120 -25.87 11.85 19.94
N VAL C 121 -25.63 11.95 21.25
CA VAL C 121 -24.34 11.55 21.86
C VAL C 121 -24.22 10.03 21.85
N THR C 122 -23.20 9.52 21.19
CA THR C 122 -23.00 8.06 21.07
C THR C 122 -21.62 7.67 21.57
N THR C 123 -21.48 6.42 22.02
CA THR C 123 -20.14 5.79 22.13
C THR C 123 -19.71 5.29 20.75
N PRO C 124 -18.41 5.28 20.44
CA PRO C 124 -17.94 4.77 19.15
C PRO C 124 -18.57 3.44 18.73
N LYS C 125 -18.59 2.48 19.66
CA LYS C 125 -19.11 1.16 19.37
C LYS C 125 -20.59 1.21 19.03
N ARG C 126 -21.34 2.09 19.69
CA ARG C 126 -22.74 2.24 19.34
C ARG C 126 -22.87 2.99 18.01
N HIS C 127 -22.07 4.02 17.83
CA HIS C 127 -22.15 4.83 16.62
C HIS C 127 -21.90 4.02 15.33
N ILE C 128 -20.95 3.07 15.39
CA ILE C 128 -20.66 2.13 14.30
C ILE C 128 -21.84 1.20 14.12
N ASP C 129 -22.25 0.53 15.19
CA ASP C 129 -23.35 -0.45 15.08
C ASP C 129 -24.59 0.16 14.42
N ILE C 130 -24.91 1.42 14.75
CA ILE C 130 -26.05 2.14 14.13
C ILE C 130 -25.88 2.26 12.62
N HIS C 131 -24.69 2.69 12.19
CA HIS C 131 -24.39 2.84 10.79
C HIS C 131 -24.23 1.46 10.15
N GLU D 2 7.43 -22.22 -12.98
CA GLU D 2 6.91 -20.86 -13.09
C GLU D 2 5.43 -20.86 -12.81
N SER D 3 5.01 -20.04 -11.85
CA SER D 3 3.60 -19.91 -11.48
C SER D 3 2.78 -19.50 -12.69
N LYS D 4 1.85 -20.37 -13.08
CA LYS D 4 1.08 -20.23 -14.31
C LYS D 4 0.09 -19.05 -14.30
N ARG D 5 0.15 -18.23 -13.26
CA ARG D 5 -0.71 -17.04 -13.17
C ARG D 5 0.02 -15.77 -13.58
N ASN D 6 1.32 -15.90 -13.83
CA ASN D 6 2.17 -14.81 -14.30
C ASN D 6 2.30 -14.83 -15.83
N LYS D 7 1.91 -15.94 -16.44
CA LYS D 7 2.00 -16.14 -17.88
C LYS D 7 0.72 -15.64 -18.60
N PRO D 8 0.89 -15.04 -19.78
CA PRO D 8 -0.26 -14.60 -20.60
C PRO D 8 -1.33 -15.67 -20.80
N GLY D 9 -2.57 -15.24 -21.00
CA GLY D 9 -3.69 -16.17 -21.17
C GLY D 9 -4.83 -15.61 -21.99
N LYS D 10 -5.90 -16.39 -22.11
CA LYS D 10 -7.09 -15.95 -22.83
C LYS D 10 -8.35 -16.22 -22.01
N ALA D 11 -9.03 -15.16 -21.62
CA ALA D 11 -10.21 -15.26 -20.76
C ALA D 11 -11.29 -16.10 -21.44
N THR D 12 -11.53 -17.27 -20.86
CA THR D 12 -12.53 -18.22 -21.36
C THR D 12 -13.61 -18.40 -20.31
N GLY D 13 -14.75 -18.94 -20.72
CA GLY D 13 -15.81 -19.28 -19.79
C GLY D 13 -17.07 -18.43 -19.88
N LYS D 14 -18.19 -19.05 -19.51
CA LYS D 14 -19.51 -18.43 -19.60
C LYS D 14 -19.84 -17.43 -18.49
N GLY D 15 -19.37 -17.71 -17.27
CA GLY D 15 -19.86 -17.01 -16.08
C GLY D 15 -21.33 -17.32 -15.82
N LYS D 16 -21.95 -16.56 -14.91
CA LYS D 16 -23.33 -16.79 -14.49
C LYS D 16 -24.05 -15.48 -14.20
N PRO D 17 -25.38 -15.45 -14.35
CA PRO D 17 -26.16 -14.26 -13.96
C PRO D 17 -26.25 -14.05 -12.43
N VAL D 18 -26.35 -12.79 -12.02
CA VAL D 18 -26.46 -12.43 -10.60
C VAL D 18 -27.41 -11.22 -10.42
N GLY D 19 -27.74 -10.92 -9.16
CA GLY D 19 -28.55 -9.75 -8.85
C GLY D 19 -27.78 -8.67 -8.10
N ASP D 20 -28.50 -7.76 -7.46
CA ASP D 20 -27.87 -6.67 -6.70
C ASP D 20 -27.11 -7.20 -5.47
N LYS D 21 -27.65 -8.24 -4.85
CA LYS D 21 -27.07 -8.83 -3.63
C LYS D 21 -25.85 -9.74 -3.90
N TRP D 22 -25.29 -9.67 -5.11
CA TRP D 22 -24.37 -10.71 -5.58
C TRP D 22 -23.17 -10.97 -4.69
N LEU D 23 -22.52 -9.91 -4.22
CA LEU D 23 -21.34 -10.03 -3.35
C LEU D 23 -21.62 -10.60 -1.95
N ASP D 24 -22.87 -10.54 -1.50
CA ASP D 24 -23.22 -11.14 -0.21
C ASP D 24 -22.73 -12.59 -0.14
N ASP D 25 -22.98 -13.33 -1.23
CA ASP D 25 -22.67 -14.76 -1.30
C ASP D 25 -21.18 -15.05 -1.44
N ALA D 26 -20.40 -13.99 -1.71
CA ALA D 26 -18.93 -14.06 -1.85
C ALA D 26 -18.25 -14.55 -0.58
N GLY D 27 -18.83 -14.17 0.55
CA GLY D 27 -18.37 -14.66 1.85
C GLY D 27 -19.04 -15.93 2.34
N LYS D 28 -19.75 -16.62 1.43
CA LYS D 28 -20.47 -17.87 1.76
C LYS D 28 -19.88 -19.10 1.08
N ASP D 29 -20.23 -20.27 1.62
CA ASP D 29 -19.87 -21.59 1.07
C ASP D 29 -18.62 -21.61 0.19
N SER D 30 -18.76 -21.29 -1.10
CA SER D 30 -17.62 -21.28 -2.03
C SER D 30 -17.59 -20.08 -3.00
N GLY D 31 -18.33 -19.04 -2.64
CA GLY D 31 -18.25 -17.75 -3.30
C GLY D 31 -19.10 -17.55 -4.53
N ALA D 32 -19.37 -16.28 -4.81
CA ALA D 32 -20.04 -15.79 -6.01
C ALA D 32 -19.28 -16.17 -7.30
N PRO D 33 -19.98 -16.29 -8.42
CA PRO D 33 -19.32 -16.55 -9.70
C PRO D 33 -18.96 -15.26 -10.40
N ILE D 34 -18.32 -15.36 -11.57
CA ILE D 34 -18.21 -14.21 -12.44
C ILE D 34 -19.58 -13.92 -13.11
N PRO D 35 -20.07 -12.69 -12.99
CA PRO D 35 -21.27 -12.28 -13.71
C PRO D 35 -21.13 -12.49 -15.23
N ASP D 36 -22.26 -12.70 -15.89
CA ASP D 36 -22.29 -13.00 -17.33
C ASP D 36 -21.98 -11.78 -18.20
N ARG D 37 -22.42 -10.61 -17.75
CA ARG D 37 -22.14 -9.35 -18.43
C ARG D 37 -20.66 -8.95 -18.32
N ILE D 38 -20.03 -9.32 -17.21
CA ILE D 38 -18.58 -9.17 -17.06
C ILE D 38 -17.82 -10.13 -17.99
N ALA D 39 -18.27 -11.39 -18.02
CA ALA D 39 -17.73 -12.39 -18.94
C ALA D 39 -17.81 -11.94 -20.39
N ASP D 40 -18.94 -11.37 -20.79
CA ASP D 40 -19.18 -10.92 -22.17
C ASP D 40 -18.05 -10.07 -22.75
N LYS D 41 -17.59 -9.10 -21.96
CA LYS D 41 -16.62 -8.13 -22.45
C LYS D 41 -15.20 -8.71 -22.47
N LEU D 42 -14.85 -9.42 -21.40
CA LEU D 42 -13.50 -9.95 -21.22
C LEU D 42 -13.23 -11.25 -22.00
N ARG D 43 -14.24 -12.10 -22.15
CA ARG D 43 -14.09 -13.35 -22.90
C ARG D 43 -13.39 -13.15 -24.26
N ASP D 44 -12.56 -14.13 -24.63
CA ASP D 44 -11.77 -14.12 -25.87
C ASP D 44 -10.66 -13.03 -25.92
N LYS D 45 -10.53 -12.25 -24.85
CA LYS D 45 -9.52 -11.19 -24.81
C LYS D 45 -8.20 -11.69 -24.19
N GLU D 46 -7.08 -11.22 -24.75
CA GLU D 46 -5.74 -11.59 -24.26
C GLU D 46 -5.32 -10.71 -23.07
N PHE D 47 -4.73 -11.35 -22.08
CA PHE D 47 -4.34 -10.72 -20.82
C PHE D 47 -2.89 -11.06 -20.47
N LYS D 48 -2.07 -10.03 -20.23
CA LYS D 48 -0.61 -10.20 -20.10
C LYS D 48 -0.19 -10.80 -18.76
N SER D 49 -1.14 -10.83 -17.81
CA SER D 49 -0.97 -11.41 -16.48
C SER D 49 -2.34 -11.52 -15.84
N PHE D 50 -2.44 -12.22 -14.71
CA PHE D 50 -3.71 -12.27 -13.97
C PHE D 50 -3.97 -10.93 -13.24
N ASP D 51 -2.89 -10.26 -12.82
CA ASP D 51 -2.95 -8.91 -12.30
C ASP D 51 -3.73 -7.98 -13.24
N ASP D 52 -3.49 -8.12 -14.55
CA ASP D 52 -4.21 -7.38 -15.58
C ASP D 52 -5.69 -7.74 -15.61
N PHE D 53 -5.97 -9.04 -15.53
CA PHE D 53 -7.31 -9.59 -15.64
C PHE D 53 -8.15 -9.02 -14.49
N ARG D 54 -7.69 -9.27 -13.26
CA ARG D 54 -8.34 -8.77 -12.05
C ARG D 54 -8.74 -7.29 -12.16
N LYS D 55 -7.77 -6.46 -12.56
CA LYS D 55 -7.97 -5.03 -12.83
C LYS D 55 -9.13 -4.81 -13.80
N ALA D 56 -9.13 -5.52 -14.93
CA ALA D 56 -10.22 -5.45 -15.92
C ALA D 56 -11.56 -5.96 -15.38
N VAL D 57 -11.53 -6.92 -14.45
CA VAL D 57 -12.77 -7.44 -13.87
C VAL D 57 -13.43 -6.39 -12.99
N TRP D 58 -12.66 -5.70 -12.17
CA TRP D 58 -13.25 -4.72 -11.27
C TRP D 58 -13.61 -3.40 -11.95
N GLU D 59 -12.91 -3.06 -13.03
CA GLU D 59 -13.26 -1.92 -13.86
C GLU D 59 -14.55 -2.20 -14.63
N GLU D 60 -14.77 -3.46 -15.00
CA GLU D 60 -16.03 -3.86 -15.62
C GLU D 60 -17.14 -3.86 -14.59
N VAL D 61 -16.83 -4.29 -13.37
CA VAL D 61 -17.78 -4.20 -12.25
C VAL D 61 -18.27 -2.76 -12.10
N SER D 62 -17.34 -1.81 -12.12
CA SER D 62 -17.68 -0.40 -11.96
C SER D 62 -18.58 0.18 -13.04
N LYS D 63 -18.36 -0.26 -14.28
CA LYS D 63 -19.15 0.16 -15.43
C LYS D 63 -20.58 -0.38 -15.40
N ASP D 64 -20.80 -1.44 -14.61
CA ASP D 64 -22.13 -2.02 -14.42
C ASP D 64 -22.80 -1.45 -13.17
N PRO D 65 -23.82 -0.60 -13.39
CA PRO D 65 -24.56 0.01 -12.28
C PRO D 65 -25.41 -0.99 -11.49
N GLU D 66 -25.95 -2.02 -12.15
CA GLU D 66 -26.71 -3.06 -11.47
C GLU D 66 -25.85 -3.80 -10.43
N LEU D 67 -24.60 -4.11 -10.80
CA LEU D 67 -23.65 -4.84 -9.95
C LEU D 67 -23.01 -3.97 -8.87
N SER D 68 -22.61 -2.76 -9.24
CA SER D 68 -22.01 -1.80 -8.32
C SER D 68 -23.03 -0.97 -7.51
N LYS D 69 -24.32 -1.25 -7.69
CA LYS D 69 -25.37 -0.56 -6.94
C LYS D 69 -25.30 -0.84 -5.43
N ASN D 70 -24.75 -2.00 -5.08
CA ASN D 70 -24.72 -2.48 -3.70
C ASN D 70 -23.43 -2.17 -2.92
N LEU D 71 -22.50 -1.50 -3.59
CA LEU D 71 -21.24 -1.06 -2.97
C LEU D 71 -21.38 0.37 -2.45
N ASN D 72 -20.64 0.69 -1.38
CA ASN D 72 -20.63 2.06 -0.87
C ASN D 72 -19.76 2.95 -1.77
N PRO D 73 -19.85 4.27 -1.61
CA PRO D 73 -19.13 5.17 -2.53
C PRO D 73 -17.63 4.89 -2.58
N SER D 74 -17.04 4.62 -1.40
CA SER D 74 -15.63 4.22 -1.23
C SER D 74 -15.28 3.06 -2.17
N ASN D 75 -16.02 1.97 -2.03
CA ASN D 75 -15.95 0.80 -2.90
C ASN D 75 -16.29 0.99 -4.39
N LYS D 76 -17.16 1.94 -4.73
CA LYS D 76 -17.39 2.29 -6.13
C LYS D 76 -16.16 3.00 -6.70
N SER D 77 -15.51 3.82 -5.86
CA SER D 77 -14.22 4.41 -6.23
C SER D 77 -13.23 3.30 -6.60
N SER D 78 -12.99 2.39 -5.64
CA SER D 78 -12.12 1.22 -5.80
C SER D 78 -12.19 0.62 -7.19
N VAL D 79 -13.36 0.10 -7.54
CA VAL D 79 -13.58 -0.65 -8.78
C VAL D 79 -13.38 0.18 -10.05
N SER D 80 -13.87 1.43 -10.07
CA SER D 80 -13.64 2.34 -11.19
C SER D 80 -12.14 2.57 -11.49
N LYS D 81 -11.29 2.14 -10.58
CA LYS D 81 -9.84 2.26 -10.73
C LYS D 81 -9.21 0.89 -10.94
N GLY D 82 -10.01 -0.16 -10.75
CA GLY D 82 -9.59 -1.54 -11.05
C GLY D 82 -9.06 -2.30 -9.85
N TYR D 83 -9.27 -1.73 -8.67
CA TYR D 83 -8.89 -2.33 -7.38
C TYR D 83 -10.03 -3.16 -6.82
N SER D 84 -9.71 -4.15 -6.00
CA SER D 84 -10.73 -4.97 -5.35
C SER D 84 -11.39 -4.23 -4.19
N PRO D 85 -12.73 -4.16 -4.16
CA PRO D 85 -13.43 -3.47 -3.08
C PRO D 85 -13.27 -4.22 -1.76
N PHE D 86 -13.30 -3.50 -0.64
CA PHE D 86 -13.25 -4.08 0.72
C PHE D 86 -14.52 -4.88 1.03
N THR D 87 -14.34 -6.01 1.71
CA THR D 87 -15.45 -6.75 2.29
C THR D 87 -15.88 -6.09 3.61
N PRO D 88 -16.95 -6.56 4.26
CA PRO D 88 -17.25 -6.12 5.62
C PRO D 88 -16.11 -6.50 6.52
N LYS D 89 -15.96 -5.84 7.67
CA LYS D 89 -14.86 -6.17 8.57
C LYS D 89 -14.83 -7.63 9.07
N ASN D 90 -15.98 -8.18 9.47
CA ASN D 90 -16.01 -9.53 10.02
C ASN D 90 -15.65 -10.62 8.99
N GLN D 91 -15.51 -10.19 7.74
CA GLN D 91 -15.11 -11.05 6.63
C GLN D 91 -13.64 -10.86 6.25
N GLN D 92 -12.93 -10.05 7.02
CA GLN D 92 -11.50 -9.81 6.77
C GLN D 92 -10.63 -10.70 7.67
N VAL D 93 -9.42 -11.03 7.20
CA VAL D 93 -8.37 -11.60 8.04
C VAL D 93 -7.13 -10.72 8.03
N GLY D 94 -6.90 -10.03 9.15
CA GLY D 94 -5.76 -9.11 9.30
C GLY D 94 -5.58 -8.21 8.09
N GLY D 95 -4.41 -8.31 7.47
CA GLY D 95 -4.02 -7.46 6.34
C GLY D 95 -4.73 -7.74 5.02
N ARG D 96 -5.50 -8.81 4.97
CA ARG D 96 -6.30 -9.14 3.80
C ARG D 96 -7.75 -8.71 3.98
N LYS D 97 -8.17 -7.77 3.14
CA LYS D 97 -9.36 -7.00 3.42
C LYS D 97 -10.31 -6.86 2.23
N VAL D 98 -9.86 -7.27 1.06
CA VAL D 98 -10.64 -7.10 -0.17
C VAL D 98 -11.06 -8.47 -0.75
N TYR D 99 -11.98 -8.46 -1.71
CA TYR D 99 -12.42 -9.72 -2.35
C TYR D 99 -11.29 -10.37 -3.13
N GLU D 100 -11.35 -11.69 -3.19
CA GLU D 100 -10.30 -12.50 -3.80
C GLU D 100 -10.90 -13.43 -4.85
N LEU D 101 -10.17 -13.60 -5.94
CA LEU D 101 -10.61 -14.44 -7.03
C LEU D 101 -10.01 -15.83 -6.83
N HIS D 102 -10.78 -16.68 -6.15
CA HIS D 102 -10.42 -18.07 -5.87
C HIS D 102 -10.47 -18.93 -7.13
N ALA D 103 -9.77 -20.07 -7.09
CA ALA D 103 -9.77 -21.02 -8.20
C ALA D 103 -10.42 -22.35 -7.79
N ASP D 104 -11.68 -22.55 -8.17
CA ASP D 104 -12.47 -23.67 -7.62
C ASP D 104 -11.73 -24.99 -7.70
N LYS D 105 -11.12 -25.26 -8.86
CA LYS D 105 -10.15 -26.34 -8.98
C LYS D 105 -8.75 -25.72 -9.07
N PRO D 106 -7.82 -26.19 -8.22
CA PRO D 106 -6.46 -25.64 -8.18
C PRO D 106 -5.77 -25.66 -9.54
N ILE D 107 -5.11 -24.56 -9.86
CA ILE D 107 -4.38 -24.38 -11.13
C ILE D 107 -3.26 -25.41 -11.26
N SER D 108 -2.54 -25.61 -10.16
CA SER D 108 -1.51 -26.66 -10.10
C SER D 108 -2.10 -28.04 -10.41
N GLN D 109 -3.36 -28.24 -10.04
CA GLN D 109 -4.01 -29.55 -10.20
C GLN D 109 -5.02 -29.62 -11.36
N GLY D 110 -4.88 -28.72 -12.32
CA GLY D 110 -5.65 -28.80 -13.55
C GLY D 110 -6.88 -27.90 -13.64
N GLY D 111 -6.83 -26.78 -12.93
CA GLY D 111 -7.79 -25.69 -13.12
C GLY D 111 -7.10 -24.62 -13.95
N GLU D 112 -7.86 -23.89 -14.78
CA GLU D 112 -7.26 -22.84 -15.59
C GLU D 112 -7.38 -21.45 -14.98
N VAL D 113 -6.28 -20.70 -15.05
CA VAL D 113 -6.19 -19.35 -14.51
C VAL D 113 -7.29 -18.41 -15.05
N TYR D 114 -7.54 -18.46 -16.36
CA TYR D 114 -8.44 -17.49 -17.00
C TYR D 114 -9.81 -18.08 -17.33
N ASP D 115 -10.17 -19.14 -16.61
CA ASP D 115 -11.47 -19.73 -16.76
C ASP D 115 -12.47 -19.01 -15.89
N MET D 116 -13.10 -17.97 -16.44
CA MET D 116 -14.16 -17.24 -15.73
C MET D 116 -15.23 -18.21 -15.23
N ASP D 117 -15.22 -19.45 -15.73
CA ASP D 117 -16.03 -20.51 -15.15
C ASP D 117 -15.40 -21.13 -13.90
N ASN D 118 -14.09 -20.95 -13.72
CA ASN D 118 -13.37 -21.57 -12.60
C ASN D 118 -13.16 -20.64 -11.42
N ILE D 119 -13.06 -19.34 -11.73
CA ILE D 119 -12.81 -18.30 -10.75
C ILE D 119 -14.07 -17.99 -9.93
N ARG D 120 -13.89 -17.77 -8.63
CA ARG D 120 -15.02 -17.43 -7.77
C ARG D 120 -14.64 -16.25 -6.89
N VAL D 121 -15.58 -15.33 -6.71
CA VAL D 121 -15.34 -14.16 -5.85
C VAL D 121 -15.53 -14.54 -4.38
N THR D 122 -14.45 -14.40 -3.60
CA THR D 122 -14.42 -14.78 -2.18
C THR D 122 -14.04 -13.63 -1.27
N THR D 123 -14.46 -13.70 -0.01
CA THR D 123 -13.95 -12.81 1.03
C THR D 123 -12.75 -13.50 1.61
N PRO D 124 -11.79 -12.73 2.13
CA PRO D 124 -10.61 -13.29 2.79
C PRO D 124 -10.96 -14.37 3.79
N LYS D 125 -11.84 -14.09 4.75
CA LYS D 125 -12.27 -15.11 5.73
C LYS D 125 -12.70 -16.45 5.10
N ARG D 126 -13.53 -16.40 4.07
CA ARG D 126 -14.00 -17.65 3.47
C ARG D 126 -12.94 -18.33 2.61
N HIS D 127 -12.17 -17.53 1.87
CA HIS D 127 -11.06 -18.04 1.06
C HIS D 127 -9.94 -18.71 1.88
N ILE D 128 -9.74 -18.27 3.12
CA ILE D 128 -8.79 -18.92 4.02
C ILE D 128 -9.34 -20.28 4.48
N ASP D 129 -10.66 -20.37 4.62
CA ASP D 129 -11.34 -21.61 5.08
C ASP D 129 -11.34 -22.73 4.04
N ILE D 130 -11.67 -22.39 2.80
CA ILE D 130 -11.70 -23.33 1.68
C ILE D 130 -10.32 -23.97 1.48
N HIS D 131 -9.26 -23.18 1.64
CA HIS D 131 -7.88 -23.66 1.50
C HIS D 131 -7.34 -24.44 2.69
N ARG D 132 -7.90 -24.20 3.89
CA ARG D 132 -7.39 -24.83 5.14
C ARG D 132 -7.48 -26.35 5.16
N GLY D 133 -8.69 -26.86 4.94
CA GLY D 133 -8.94 -28.30 5.00
C GLY D 133 -9.12 -28.92 3.63
N LYS D 134 -8.51 -28.31 2.61
CA LYS D 134 -8.57 -28.83 1.24
C LYS D 134 -7.39 -29.75 0.95
ZN ZN M . 29.16 -10.37 -2.78
ZN ZN N . 6.77 17.31 -10.40
ZN ZN O . -23.65 8.96 12.67
ZN ZN P . -7.93 -20.15 -3.81
ZN ZN Q . 12.47 -9.39 -4.14
ZN ZN R . -3.58 15.57 2.97
ZN ZN S . -10.39 7.47 2.17
ZN ZN T . 7.98 -17.56 1.33
#